data_1KSJ
#
_entry.id   1KSJ
#
_cell.length_a   44.815
_cell.length_b   65.726
_cell.length_c   103.990
_cell.angle_alpha   90.00
_cell.angle_beta   90.00
_cell.angle_gamma   90.00
#
_symmetry.space_group_name_H-M   'P 21 21 21'
#
loop_
_entity.id
_entity.type
_entity.pdbx_description
1 polymer 'arf-like protein 2'
2 polymer "RETINAL ROD RHODOPSIN-SENSITIVE CGMP 3',5'-CYCLIC PHOSPHODIESTERASE DELTA-SUBUNIT"
3 non-polymer 'PHOSPHATE ION'
4 non-polymer 'MAGNESIUM ION'
5 non-polymer BETA-MERCAPTOETHANOL
6 non-polymer "GUANOSINE-5'-DIPHOSPHATE"
7 non-polymer "GUANOSINE-5'-TRIPHOSPHATE"
8 water water
#
loop_
_entity_poly.entity_id
_entity_poly.type
_entity_poly.pdbx_seq_one_letter_code
_entity_poly.pdbx_strand_id
1 'polypeptide(L)'
;GS(MSE)GLLTILKK(MSE)KQKERELRLL(MSE)LGLDNAGKTTILKKFNGEDVDTISPTLGFNIKTLEHRGFKLNIWD
VGGQKSLRSYWRNYFESTDGLIWVVDSADRQR(MSE)QDCQRELQSLLVEERLAGATLLIFANKQDLPGALS(CME)NAI
QEALELDSIRSHHWRIQGCSAVTGEDLLPGIDWLLDDISSRVFTAD
;
A
2 'polypeptide(L)'
;GS(MSE)SAKDERAREILRGFKLNW(MSE)NLRDAETGKILWQGTEDLSVPGVEHEARVPKKILKCKAVSRELNFSSTEQ
(MSE)EKFRLEQKVYFKGQ(CME)LEEWFFEFGFVIPNSTNTWQSLIEAAPESQ(MSE)(MSE)PASVLTGNVIIETKFF
DDDLLVSTSRVRLFYV
;
B
#
# COMPACT_ATOMS: atom_id res chain seq x y z
N ARG A 17 11.58 1.43 15.79
CA ARG A 17 11.06 2.38 14.84
C ARG A 17 10.44 1.68 13.63
N GLU A 18 9.29 2.18 13.19
CA GLU A 18 8.63 1.67 12.01
C GLU A 18 9.52 2.02 10.83
N LEU A 19 9.53 1.16 9.81
CA LEU A 19 10.30 1.47 8.59
C LEU A 19 9.35 1.77 7.44
N ARG A 20 9.73 2.77 6.64
CA ARG A 20 8.98 3.16 5.46
C ARG A 20 9.68 2.70 4.19
N LEU A 21 9.01 1.83 3.45
CA LEU A 21 9.56 1.34 2.20
C LEU A 21 8.75 1.96 1.09
N LEU A 22 9.43 2.35 0.03
CA LEU A 22 8.81 3.02 -1.09
C LEU A 22 9.04 2.22 -2.35
N LEU A 24 8.61 1.71 -6.34
CA LEU A 24 8.42 2.39 -7.62
C LEU A 24 8.99 1.59 -8.78
N GLY A 25 8.70 2.07 -9.99
CA GLY A 25 9.13 1.46 -11.26
C GLY A 25 8.15 1.97 -12.33
N LEU A 26 8.31 1.52 -13.58
CA LEU A 26 7.38 1.85 -14.67
C LEU A 26 6.11 1.01 -14.54
N ASP A 27 4.98 1.52 -15.05
CA ASP A 27 3.71 0.78 -15.04
C ASP A 27 3.92 -0.61 -15.60
N ASN A 28 3.17 -1.57 -15.07
CA ASN A 28 3.22 -2.93 -15.59
C ASN A 28 4.48 -3.71 -15.16
N ALA A 29 5.29 -3.10 -14.29
CA ALA A 29 6.54 -3.70 -13.77
C ALA A 29 6.30 -4.93 -12.88
N GLY A 30 5.28 -4.89 -12.02
CA GLY A 30 4.95 -6.02 -11.15
C GLY A 30 4.79 -5.63 -9.70
N LYS A 31 4.95 -4.34 -9.43
CA LYS A 31 4.93 -3.78 -8.08
C LYS A 31 3.81 -4.33 -7.21
N THR A 32 2.58 -4.12 -7.65
CA THR A 32 1.40 -4.56 -6.90
C THR A 32 1.32 -6.08 -6.74
N THR A 33 1.73 -6.83 -7.75
CA THR A 33 1.72 -8.30 -7.67
C THR A 33 2.74 -8.79 -6.65
N ILE A 34 3.83 -8.06 -6.54
CA ILE A 34 4.89 -8.37 -5.59
C ILE A 34 4.41 -8.10 -4.18
N LEU A 35 3.77 -6.95 -3.98
CA LEU A 35 3.26 -6.56 -2.65
C LEU A 35 2.19 -7.52 -2.14
N LYS A 36 1.37 -8.03 -3.05
CA LYS A 36 0.30 -8.94 -2.71
C LYS A 36 0.81 -10.35 -2.45
N LYS A 37 1.55 -10.90 -3.42
CA LYS A 37 2.13 -12.22 -3.25
C LYS A 37 2.93 -12.29 -1.96
N PHE A 38 3.72 -11.25 -1.70
CA PHE A 38 4.51 -11.15 -0.47
C PHE A 38 3.66 -11.24 0.84
N ASN A 39 2.40 -10.85 0.77
CA ASN A 39 1.50 -10.96 1.92
C ASN A 39 0.65 -12.25 1.86
N GLY A 40 0.97 -13.16 0.96
CA GLY A 40 0.20 -14.39 0.78
C GLY A 40 -1.23 -14.16 0.25
N GLU A 41 -1.42 -13.13 -0.58
CA GLU A 41 -2.73 -12.88 -1.15
C GLU A 41 -2.72 -13.26 -2.63
N ASP A 42 -3.90 -13.47 -3.21
CA ASP A 42 -4.00 -13.85 -4.62
C ASP A 42 -3.58 -12.71 -5.53
N VAL A 43 -3.13 -13.06 -6.73
CA VAL A 43 -2.64 -12.09 -7.70
C VAL A 43 -3.30 -12.28 -9.05
N ASP A 44 -4.42 -13.01 -9.07
CA ASP A 44 -5.11 -13.32 -10.32
C ASP A 44 -6.03 -12.22 -10.81
N THR A 45 -6.37 -11.27 -9.93
CA THR A 45 -7.24 -10.16 -10.31
C THR A 45 -6.70 -8.77 -9.97
N ILE A 46 -5.46 -8.54 -10.36
CA ILE A 46 -4.83 -7.26 -10.12
C ILE A 46 -5.08 -6.33 -11.31
N SER A 47 -5.31 -5.04 -11.03
CA SER A 47 -5.54 -4.05 -12.06
C SER A 47 -4.65 -2.83 -11.81
N PRO A 48 -4.39 -2.04 -12.85
CA PRO A 48 -3.52 -0.87 -12.72
C PRO A 48 -3.84 -0.03 -11.49
N THR A 49 -2.81 0.34 -10.76
CA THR A 49 -2.96 1.16 -9.58
C THR A 49 -3.13 2.62 -10.02
N LEU A 50 -4.26 3.22 -9.69
CA LEU A 50 -4.59 4.61 -10.06
C LEU A 50 -4.43 5.51 -8.83
N GLY A 51 -3.37 5.28 -8.09
CA GLY A 51 -3.09 6.07 -6.90
C GLY A 51 -1.93 5.39 -6.21
N PHE A 52 -2.10 5.17 -4.94
CA PHE A 52 -1.12 4.43 -4.18
C PHE A 52 -1.80 3.30 -3.41
N ASN A 53 -1.10 2.17 -3.28
N ASN A 53 -1.05 2.21 -3.21
CA ASN A 53 -1.56 1.06 -2.43
CA ASN A 53 -1.53 1.07 -2.45
C ASN A 53 -0.56 0.92 -1.29
C ASN A 53 -0.57 0.85 -1.28
N ILE A 54 -0.99 1.27 -0.09
CA ILE A 54 -0.18 1.18 1.12
C ILE A 54 -0.54 -0.04 1.95
N LYS A 55 0.49 -0.69 2.49
CA LYS A 55 0.33 -1.93 3.29
C LYS A 55 1.10 -1.85 4.60
N THR A 56 0.38 -1.87 5.71
CA THR A 56 1.03 -1.84 7.02
C THR A 56 1.08 -3.23 7.66
N LEU A 57 2.28 -3.76 7.94
CA LEU A 57 2.43 -5.12 8.53
C LEU A 57 3.68 -5.35 9.41
N GLU A 58 3.91 -6.61 9.77
CA GLU A 58 5.11 -7.00 10.53
C GLU A 58 5.86 -8.16 9.89
N HIS A 59 7.17 -8.00 9.75
CA HIS A 59 8.00 -9.01 9.09
C HIS A 59 9.31 -9.12 9.86
N ARG A 60 9.59 -10.32 10.36
CA ARG A 60 10.81 -10.58 11.08
C ARG A 60 11.01 -9.59 12.20
N GLY A 61 9.91 -9.20 12.84
CA GLY A 61 9.95 -8.27 13.97
C GLY A 61 10.00 -6.79 13.61
N PHE A 62 10.11 -6.48 12.32
CA PHE A 62 10.13 -5.09 11.84
C PHE A 62 8.70 -4.62 11.62
N LYS A 63 8.40 -3.40 12.05
CA LYS A 63 7.09 -2.79 11.80
C LYS A 63 7.16 -1.92 10.51
N LEU A 64 6.66 -2.47 9.40
CA LEU A 64 6.77 -1.82 8.08
C LEU A 64 5.55 -1.06 7.53
N ASN A 65 5.83 -0.07 6.69
CA ASN A 65 4.79 0.62 5.91
C ASN A 65 5.25 0.62 4.49
N ILE A 66 4.63 -0.23 3.68
CA ILE A 66 5.04 -0.34 2.29
C ILE A 66 4.10 0.42 1.32
N TRP A 67 4.66 1.44 0.68
CA TRP A 67 3.97 2.28 -0.31
C TRP A 67 4.27 1.86 -1.74
N ASP A 68 3.26 1.34 -2.44
CA ASP A 68 3.34 0.95 -3.85
C ASP A 68 2.61 2.05 -4.62
N VAL A 69 3.37 2.76 -5.46
CA VAL A 69 2.79 3.88 -6.21
C VAL A 69 2.67 3.64 -7.73
N GLY A 70 1.50 3.97 -8.30
CA GLY A 70 1.25 3.79 -9.74
C GLY A 70 2.41 4.35 -10.56
N GLY A 71 2.77 3.61 -11.61
CA GLY A 71 3.87 4.00 -12.47
C GLY A 71 3.50 4.46 -13.89
N GLN A 72 2.23 4.79 -14.15
CA GLN A 72 1.85 5.30 -15.48
C GLN A 72 2.37 6.73 -15.61
N LYS A 73 2.58 7.18 -16.84
CA LYS A 73 3.14 8.52 -17.09
C LYS A 73 2.46 9.59 -16.25
N SER A 74 1.14 9.56 -16.24
CA SER A 74 0.36 10.51 -15.48
C SER A 74 0.63 10.51 -13.96
N LEU A 75 0.83 9.32 -13.37
CA LEU A 75 1.03 9.25 -11.94
C LEU A 75 2.43 9.61 -11.49
N ARG A 76 3.41 9.28 -12.32
CA ARG A 76 4.83 9.44 -12.05
C ARG A 76 5.29 10.77 -11.46
N SER A 77 4.72 11.86 -11.95
CA SER A 77 5.08 13.20 -11.49
C SER A 77 4.74 13.44 -10.03
N TYR A 78 3.89 12.62 -9.45
CA TYR A 78 3.53 12.80 -8.06
C TYR A 78 4.43 11.94 -7.15
N TRP A 79 5.25 11.10 -7.77
CA TRP A 79 6.22 10.27 -7.02
C TRP A 79 6.94 11.00 -5.87
N ARG A 80 7.39 12.24 -6.11
CA ARG A 80 8.19 12.99 -5.12
C ARG A 80 7.46 13.51 -3.89
N ASN A 81 6.14 13.40 -3.91
CA ASN A 81 5.36 13.81 -2.75
C ASN A 81 5.39 12.71 -1.70
N TYR A 82 6.04 11.61 -2.02
CA TYR A 82 6.14 10.51 -1.08
C TYR A 82 7.59 10.22 -0.72
N PHE A 83 8.51 11.04 -1.22
CA PHE A 83 9.93 10.81 -0.95
C PHE A 83 10.28 10.92 0.53
N GLU A 84 9.73 11.93 1.19
CA GLU A 84 10.08 12.21 2.58
C GLU A 84 10.12 11.02 3.52
N SER A 85 11.21 10.93 4.29
CA SER A 85 11.36 9.96 5.36
C SER A 85 11.28 8.51 4.92
N THR A 86 11.71 8.24 3.68
CA THR A 86 11.75 6.89 3.13
C THR A 86 13.05 6.15 3.52
N ASP A 87 12.89 5.01 4.18
CA ASP A 87 14.05 4.20 4.64
C ASP A 87 14.69 3.32 3.56
N GLY A 88 13.86 2.73 2.71
CA GLY A 88 14.35 1.96 1.62
C GLY A 88 13.46 2.08 0.43
N LEU A 89 14.05 2.17 -0.75
CA LEU A 89 13.32 2.23 -1.99
C LEU A 89 13.48 0.93 -2.74
N ILE A 90 12.37 0.40 -3.21
CA ILE A 90 12.38 -0.80 -4.03
C ILE A 90 12.08 -0.40 -5.48
N TRP A 91 13.07 -0.52 -6.35
CA TRP A 91 12.86 -0.22 -7.77
C TRP A 91 12.58 -1.53 -8.52
N VAL A 92 11.41 -1.63 -9.12
CA VAL A 92 10.95 -2.86 -9.74
C VAL A 92 11.00 -2.80 -11.26
N VAL A 93 11.60 -3.83 -11.86
CA VAL A 93 11.79 -3.89 -13.30
C VAL A 93 11.08 -5.07 -13.96
N ASP A 94 10.52 -4.82 -15.14
CA ASP A 94 9.96 -5.89 -15.97
C ASP A 94 11.13 -6.42 -16.81
N SER A 95 11.76 -7.50 -16.31
CA SER A 95 12.94 -8.11 -16.93
C SER A 95 12.78 -8.44 -18.41
N ALA A 96 11.53 -8.60 -18.86
CA ALA A 96 11.26 -8.94 -20.25
C ALA A 96 10.83 -7.75 -21.09
N ASP A 97 11.03 -6.54 -20.58
CA ASP A 97 10.63 -5.35 -21.32
C ASP A 97 11.82 -4.53 -21.80
N ARG A 98 12.56 -5.11 -22.75
CA ARG A 98 13.74 -4.48 -23.33
C ARG A 98 13.42 -3.12 -23.98
N GLN A 99 12.15 -2.89 -24.29
CA GLN A 99 11.75 -1.68 -25.00
C GLN A 99 11.85 -0.40 -24.18
N ARG A 100 11.49 -0.46 -22.89
CA ARG A 100 11.53 0.71 -22.03
C ARG A 100 12.68 0.67 -21.05
N GLN A 102 15.65 1.71 -21.14
CA GLN A 102 16.40 2.97 -20.99
C GLN A 102 15.60 4.03 -20.26
N ASP A 103 14.30 4.09 -20.52
CA ASP A 103 13.41 4.96 -19.76
C ASP A 103 13.44 4.52 -18.30
N CYS A 104 13.65 3.23 -18.08
CA CYS A 104 13.75 2.68 -16.74
C CYS A 104 15.03 3.19 -16.08
N GLN A 105 16.13 3.09 -16.82
CA GLN A 105 17.44 3.59 -16.40
C GLN A 105 17.35 5.08 -16.03
N ARG A 106 16.77 5.89 -16.92
CA ARG A 106 16.63 7.34 -16.67
C ARG A 106 15.88 7.66 -15.38
N GLU A 107 14.72 7.05 -15.22
CA GLU A 107 13.92 7.26 -14.03
C GLU A 107 14.68 6.96 -12.76
N LEU A 108 15.46 5.88 -12.79
CA LEU A 108 16.20 5.44 -11.62
C LEU A 108 17.33 6.38 -11.27
N GLN A 109 18.13 6.74 -12.27
CA GLN A 109 19.25 7.62 -11.99
C GLN A 109 18.72 8.95 -11.47
N SER A 110 17.60 9.37 -12.05
CA SER A 110 16.94 10.58 -11.61
C SER A 110 16.53 10.43 -10.15
N LEU A 111 16.06 9.25 -9.76
CA LEU A 111 15.74 8.98 -8.34
C LEU A 111 17.00 9.08 -7.44
N LEU A 112 18.16 8.69 -7.97
CA LEU A 112 19.41 8.75 -7.18
C LEU A 112 20.02 10.12 -6.87
N VAL A 113 19.48 11.21 -7.42
CA VAL A 113 19.98 12.52 -7.02
C VAL A 113 18.97 13.28 -6.19
N GLU A 114 17.81 12.66 -5.99
CA GLU A 114 16.79 13.26 -5.15
C GLU A 114 17.38 13.41 -3.76
N GLU A 115 17.20 14.59 -3.17
CA GLU A 115 17.77 14.90 -1.88
C GLU A 115 17.00 14.31 -0.71
N ARG A 116 15.72 14.00 -0.93
CA ARG A 116 14.91 13.40 0.12
C ARG A 116 15.03 11.88 0.10
N LEU A 117 15.82 11.35 -0.82
CA LEU A 117 16.01 9.91 -0.89
C LEU A 117 17.47 9.57 -0.54
N ALA A 118 18.26 10.60 -0.28
CA ALA A 118 19.66 10.41 0.06
C ALA A 118 19.79 9.41 1.23
N GLY A 119 20.86 8.65 1.25
CA GLY A 119 21.05 7.69 2.34
C GLY A 119 19.94 6.65 2.53
N ALA A 120 19.03 6.53 1.55
CA ALA A 120 18.04 5.47 1.53
C ALA A 120 18.80 4.27 0.99
N THR A 121 18.33 3.06 1.28
CA THR A 121 18.95 1.84 0.75
C THR A 121 18.19 1.46 -0.53
N LEU A 122 18.91 1.17 -1.61
CA LEU A 122 18.25 0.76 -2.85
C LEU A 122 18.22 -0.75 -3.11
N LEU A 123 17.02 -1.28 -3.34
CA LEU A 123 16.86 -2.67 -3.73
C LEU A 123 16.21 -2.72 -5.11
N ILE A 124 16.79 -3.49 -6.02
CA ILE A 124 16.27 -3.64 -7.36
C ILE A 124 15.71 -5.06 -7.61
N PHE A 125 14.41 -5.15 -7.91
CA PHE A 125 13.79 -6.43 -8.23
C PHE A 125 13.73 -6.58 -9.74
N ALA A 126 14.51 -7.51 -10.28
CA ALA A 126 14.45 -7.80 -11.71
C ALA A 126 13.28 -8.77 -11.86
N ASN A 127 12.09 -8.21 -11.99
CA ASN A 127 10.88 -9.01 -11.99
C ASN A 127 10.52 -9.68 -13.30
N LYS A 128 9.64 -10.68 -13.20
CA LYS A 128 9.17 -11.43 -14.35
C LYS A 128 10.23 -12.38 -14.91
N GLN A 129 11.06 -12.91 -14.02
CA GLN A 129 12.10 -13.86 -14.45
C GLN A 129 11.49 -15.15 -15.05
N ASP A 130 10.24 -15.43 -14.68
CA ASP A 130 9.53 -16.62 -15.15
C ASP A 130 9.15 -16.49 -16.63
N LEU A 131 9.51 -15.35 -17.24
CA LEU A 131 9.21 -15.09 -18.64
C LEU A 131 10.34 -15.50 -19.59
N PRO A 132 9.96 -16.17 -20.68
CA PRO A 132 10.88 -16.64 -21.70
C PRO A 132 12.02 -15.69 -22.11
N GLY A 133 11.66 -14.50 -22.57
CA GLY A 133 12.67 -13.55 -23.06
C GLY A 133 13.16 -12.57 -22.01
N ALA A 134 13.39 -13.05 -20.79
CA ALA A 134 13.84 -12.18 -19.70
C ALA A 134 15.35 -12.02 -19.63
N LEU A 135 15.81 -10.78 -19.60
CA LEU A 135 17.25 -10.53 -19.47
C LEU A 135 17.76 -10.96 -18.10
N SER A 136 18.98 -11.46 -18.07
CA SER A 136 19.58 -11.87 -16.82
C SER A 136 19.68 -10.66 -15.89
N ASN A 138 22.64 -9.64 -14.82
CA ASN A 138 23.81 -8.98 -15.38
C ASN A 138 23.35 -8.02 -16.48
N ALA A 139 22.54 -8.50 -17.41
CA ALA A 139 22.06 -7.64 -18.48
C ALA A 139 21.30 -6.45 -17.90
N ILE A 140 20.44 -6.69 -16.91
CA ILE A 140 19.68 -5.60 -16.29
C ILE A 140 20.62 -4.77 -15.43
N GLN A 141 21.58 -5.43 -14.79
CA GLN A 141 22.56 -4.71 -14.00
C GLN A 141 23.24 -3.70 -14.91
N GLU A 142 23.67 -4.18 -16.08
CA GLU A 142 24.35 -3.36 -17.08
C GLU A 142 23.44 -2.29 -17.66
N ALA A 143 22.23 -2.71 -18.04
CA ALA A 143 21.25 -1.82 -18.64
C ALA A 143 20.96 -0.56 -17.80
N LEU A 144 20.90 -0.71 -16.49
CA LEU A 144 20.60 0.41 -15.61
C LEU A 144 21.82 1.09 -14.97
N GLU A 145 23.03 0.76 -15.47
CA GLU A 145 24.25 1.33 -14.92
C GLU A 145 24.25 1.38 -13.37
N LEU A 146 24.20 0.22 -12.73
CA LEU A 146 24.17 0.14 -11.27
C LEU A 146 25.58 0.25 -10.67
N ASP A 147 26.56 -0.20 -11.42
CA ASP A 147 27.96 -0.20 -10.97
C ASP A 147 28.46 1.22 -10.70
N SER A 148 27.81 2.18 -11.34
CA SER A 148 28.17 3.59 -11.22
C SER A 148 27.51 4.21 -9.99
N ILE A 149 26.76 3.41 -9.25
CA ILE A 149 26.03 3.91 -8.08
C ILE A 149 26.82 3.79 -6.79
N ARG A 150 27.26 4.95 -6.28
CA ARG A 150 28.02 5.01 -5.06
C ARG A 150 27.31 5.82 -3.99
N SER A 151 26.31 6.59 -4.43
CA SER A 151 25.53 7.42 -3.54
C SER A 151 24.74 6.58 -2.49
N HIS A 152 24.36 5.36 -2.87
CA HIS A 152 23.53 4.50 -2.01
C HIS A 152 24.05 3.05 -1.96
N HIS A 153 23.57 2.28 -0.98
CA HIS A 153 23.79 0.85 -0.97
C HIS A 153 22.70 0.27 -1.85
N TRP A 154 23.04 -0.73 -2.64
CA TRP A 154 22.07 -1.32 -3.54
C TRP A 154 22.28 -2.80 -3.66
N ARG A 155 21.33 -3.45 -4.30
CA ARG A 155 21.46 -4.87 -4.58
C ARG A 155 20.37 -5.23 -5.57
N ILE A 156 20.75 -5.94 -6.63
CA ILE A 156 19.75 -6.39 -7.57
C ILE A 156 19.38 -7.80 -7.24
N GLN A 157 18.14 -8.14 -7.53
CA GLN A 157 17.62 -9.47 -7.29
C GLN A 157 16.60 -9.75 -8.37
N GLY A 158 16.79 -10.85 -9.09
CA GLY A 158 15.81 -11.31 -10.07
C GLY A 158 14.73 -12.07 -9.30
N CYS A 159 13.51 -12.12 -9.82
CA CYS A 159 12.42 -12.84 -9.17
C CYS A 159 11.19 -13.04 -10.03
N SER A 160 10.14 -13.59 -9.40
CA SER A 160 8.86 -13.81 -10.05
C SER A 160 7.71 -13.65 -9.05
N ALA A 161 6.97 -12.55 -9.19
CA ALA A 161 5.85 -12.27 -8.30
C ALA A 161 4.78 -13.35 -8.44
N VAL A 162 4.63 -13.87 -9.65
CA VAL A 162 3.61 -14.86 -9.90
C VAL A 162 3.88 -16.20 -9.19
N THR A 163 5.10 -16.70 -9.30
CA THR A 163 5.46 -17.96 -8.65
C THR A 163 5.91 -17.71 -7.22
N GLY A 164 6.25 -16.47 -6.91
CA GLY A 164 6.70 -16.08 -5.57
C GLY A 164 8.19 -16.30 -5.37
N GLU A 165 8.88 -16.60 -6.47
CA GLU A 165 10.31 -16.89 -6.40
C GLU A 165 11.20 -15.70 -6.06
N ASP A 166 12.07 -15.90 -5.08
CA ASP A 166 13.07 -14.93 -4.66
C ASP A 166 12.60 -13.52 -4.31
N LEU A 167 11.46 -13.41 -3.63
CA LEU A 167 10.98 -12.13 -3.12
C LEU A 167 11.58 -11.88 -1.73
N LEU A 168 11.50 -12.88 -0.85
CA LEU A 168 12.02 -12.69 0.52
C LEU A 168 13.53 -12.42 0.61
N PRO A 169 14.31 -13.11 -0.23
CA PRO A 169 15.75 -12.91 -0.29
C PRO A 169 16.10 -11.43 -0.51
N GLY A 170 15.25 -10.72 -1.25
CA GLY A 170 15.44 -9.29 -1.52
C GLY A 170 15.01 -8.42 -0.34
N ILE A 171 13.80 -8.65 0.16
CA ILE A 171 13.26 -7.88 1.28
C ILE A 171 14.05 -8.09 2.58
N ASP A 172 14.45 -9.33 2.79
CA ASP A 172 15.23 -9.72 3.96
C ASP A 172 16.60 -8.99 3.97
N TRP A 173 17.25 -8.93 2.82
CA TRP A 173 18.50 -8.17 2.68
C TRP A 173 18.30 -6.68 2.96
N LEU A 174 17.31 -6.11 2.25
CA LEU A 174 16.93 -4.72 2.42
C LEU A 174 16.68 -4.41 3.88
N LEU A 175 15.89 -5.26 4.52
CA LEU A 175 15.57 -5.08 5.94
C LEU A 175 16.85 -5.08 6.80
N ASP A 176 17.73 -6.03 6.56
CA ASP A 176 18.99 -6.10 7.32
C ASP A 176 19.90 -4.90 7.06
N ASP A 177 19.97 -4.45 5.80
CA ASP A 177 20.83 -3.31 5.47
C ASP A 177 20.44 -2.00 6.16
N ILE A 178 19.15 -1.67 6.07
CA ILE A 178 18.63 -0.45 6.67
C ILE A 178 18.90 -0.47 8.16
N SER A 179 18.68 -1.64 8.76
CA SER A 179 18.86 -1.80 10.19
C SER A 179 20.31 -1.64 10.65
N SER A 180 21.25 -1.99 9.79
CA SER A 180 22.67 -1.88 10.13
C SER A 180 23.18 -0.45 10.18
N ARG A 181 22.45 0.48 9.56
CA ARG A 181 22.88 1.88 9.52
C ARG A 181 22.12 2.76 10.51
N SER B 4 -16.80 32.25 1.06
CA SER B 4 -15.33 32.14 1.07
C SER B 4 -14.82 31.03 0.13
N ALA B 5 -13.66 31.27 -0.48
CA ALA B 5 -13.06 30.32 -1.42
C ALA B 5 -12.57 29.04 -0.71
N LYS B 6 -12.21 29.18 0.56
CA LYS B 6 -11.79 28.08 1.39
C LYS B 6 -12.97 27.12 1.65
N ASP B 7 -14.14 27.70 1.93
CA ASP B 7 -15.35 26.92 2.18
C ASP B 7 -15.71 26.12 0.95
N GLU B 8 -15.72 26.79 -0.19
CA GLU B 8 -16.04 26.17 -1.46
C GLU B 8 -15.05 25.04 -1.75
N ARG B 9 -13.78 25.31 -1.48
CA ARG B 9 -12.74 24.33 -1.68
C ARG B 9 -12.98 23.17 -0.72
N ALA B 10 -13.16 23.50 0.54
CA ALA B 10 -13.46 22.52 1.57
C ALA B 10 -14.78 21.82 1.29
N ARG B 11 -15.49 22.27 0.25
CA ARG B 11 -16.76 21.64 -0.14
C ARG B 11 -16.60 20.69 -1.34
N GLU B 12 -15.67 21.01 -2.24
CA GLU B 12 -15.48 20.16 -3.40
C GLU B 12 -14.59 18.99 -2.97
N ILE B 13 -13.89 19.19 -1.87
CA ILE B 13 -13.05 18.16 -1.35
C ILE B 13 -13.97 17.05 -0.75
N LEU B 14 -15.00 17.49 -0.02
CA LEU B 14 -15.95 16.56 0.58
C LEU B 14 -16.75 15.83 -0.48
N ARG B 15 -17.28 16.59 -1.41
CA ARG B 15 -18.09 16.04 -2.48
C ARG B 15 -17.36 14.98 -3.28
N GLY B 16 -16.06 15.18 -3.50
CA GLY B 16 -15.25 14.30 -4.35
C GLY B 16 -14.65 13.04 -3.68
N PHE B 17 -14.78 12.93 -2.37
CA PHE B 17 -14.23 11.79 -1.67
C PHE B 17 -15.26 10.68 -1.45
N LYS B 18 -14.88 9.45 -1.79
CA LYS B 18 -15.76 8.30 -1.58
C LYS B 18 -15.05 7.01 -1.11
N LEU B 19 -15.53 6.47 0.01
CA LEU B 19 -15.01 5.19 0.53
C LEU B 19 -15.75 4.10 -0.22
N ASN B 20 -15.08 3.44 -1.16
CA ASN B 20 -15.68 2.43 -2.00
C ASN B 20 -15.95 1.07 -1.35
N TRP B 21 -14.97 0.54 -0.64
CA TRP B 21 -15.14 -0.72 0.06
C TRP B 21 -14.15 -0.98 1.19
N ASN B 23 -12.74 -4.54 3.56
CA ASN B 23 -12.73 -5.99 3.60
C ASN B 23 -11.97 -6.56 4.81
N LEU B 24 -12.22 -7.83 5.08
CA LEU B 24 -11.54 -8.52 6.19
C LEU B 24 -10.93 -9.84 5.72
N ARG B 25 -9.64 -10.04 6.01
CA ARG B 25 -8.93 -11.28 5.63
C ARG B 25 -8.39 -12.03 6.84
N ASP B 26 -8.16 -13.33 6.64
CA ASP B 26 -7.43 -14.15 7.61
C ASP B 26 -5.98 -13.91 7.22
N ALA B 27 -5.25 -13.19 8.07
CA ALA B 27 -3.88 -12.81 7.73
C ALA B 27 -2.92 -14.00 7.58
N GLU B 28 -3.22 -15.12 8.24
CA GLU B 28 -2.38 -16.32 8.11
C GLU B 28 -2.46 -16.95 6.72
N THR B 29 -3.66 -16.98 6.14
CA THR B 29 -3.91 -17.60 4.85
C THR B 29 -3.96 -16.65 3.65
N GLY B 30 -4.41 -15.43 3.87
CA GLY B 30 -4.54 -14.43 2.81
C GLY B 30 -5.91 -14.52 2.15
N LYS B 31 -6.82 -15.24 2.80
CA LYS B 31 -8.18 -15.43 2.25
C LYS B 31 -9.14 -14.35 2.78
N ILE B 32 -10.00 -13.84 1.91
CA ILE B 32 -10.98 -12.86 2.38
C ILE B 32 -12.06 -13.53 3.19
N LEU B 33 -12.41 -12.91 4.32
CA LEU B 33 -13.47 -13.42 5.19
C LEU B 33 -14.74 -12.64 4.91
N TRP B 34 -14.59 -11.39 4.50
CA TRP B 34 -15.72 -10.52 4.20
C TRP B 34 -15.27 -9.24 3.49
N GLN B 35 -15.89 -8.94 2.35
CA GLN B 35 -15.68 -7.67 1.65
C GLN B 35 -16.99 -6.89 1.64
N GLY B 36 -16.92 -5.57 1.82
CA GLY B 36 -18.12 -4.75 1.88
C GLY B 36 -18.50 -4.07 0.56
N THR B 37 -19.69 -4.39 0.11
CA THR B 37 -20.26 -3.84 -1.11
C THR B 37 -19.90 -2.30 -1.26
N GLU B 38 -20.62 -1.39 -0.56
CA GLU B 38 -22.07 -1.28 -0.20
C GLU B 38 -22.03 0.16 0.28
N ASP B 39 -22.72 1.06 -0.46
CA ASP B 39 -22.56 2.54 -0.19
C ASP B 39 -22.07 2.92 1.18
N LEU B 40 -20.84 2.52 1.54
CA LEU B 40 -20.37 2.74 2.92
C LEU B 40 -20.38 4.23 3.23
N SER B 41 -20.58 5.00 2.16
CA SER B 41 -20.63 6.45 2.22
C SER B 41 -22.07 6.97 2.37
N VAL B 42 -23.04 6.28 1.77
CA VAL B 42 -24.44 6.66 1.87
C VAL B 42 -24.89 6.97 3.31
N PRO B 43 -25.90 7.83 3.45
CA PRO B 43 -26.46 8.19 4.75
C PRO B 43 -27.85 7.58 4.89
N GLY B 44 -28.35 7.56 6.13
CA GLY B 44 -29.68 7.03 6.42
C GLY B 44 -29.60 5.52 6.50
N VAL B 45 -28.38 5.03 6.51
CA VAL B 45 -28.15 3.59 6.54
C VAL B 45 -27.08 3.23 7.55
N GLU B 46 -27.39 2.28 8.41
CA GLU B 46 -26.39 1.79 9.36
C GLU B 46 -25.63 0.66 8.70
N HIS B 47 -24.44 0.97 8.24
CA HIS B 47 -23.63 0.00 7.52
C HIS B 47 -23.27 -1.21 8.35
N GLU B 48 -23.27 -2.37 7.71
CA GLU B 48 -23.07 -3.62 8.42
C GLU B 48 -22.21 -4.65 7.72
N ALA B 49 -21.58 -5.49 8.53
CA ALA B 49 -20.74 -6.54 8.06
C ALA B 49 -21.20 -7.86 8.70
N ARG B 50 -21.57 -8.81 7.86
CA ARG B 50 -21.96 -10.14 8.33
C ARG B 50 -20.74 -11.02 8.11
N VAL B 51 -19.89 -11.10 9.13
CA VAL B 51 -18.62 -11.85 9.05
C VAL B 51 -18.76 -13.25 9.66
N PRO B 52 -17.99 -14.21 9.13
CA PRO B 52 -18.01 -15.55 9.68
C PRO B 52 -17.29 -15.56 11.02
N LYS B 53 -17.88 -16.26 12.00
CA LYS B 53 -17.34 -16.34 13.36
C LYS B 53 -15.89 -16.80 13.48
N LYS B 54 -15.40 -17.52 12.49
CA LYS B 54 -14.01 -17.97 12.50
C LYS B 54 -13.10 -16.77 12.82
N ILE B 55 -13.48 -15.60 12.30
CA ILE B 55 -12.71 -14.39 12.53
C ILE B 55 -12.32 -14.21 13.99
N LEU B 56 -13.10 -14.81 14.88
CA LEU B 56 -12.84 -14.67 16.30
C LEU B 56 -11.80 -15.67 16.74
N LYS B 57 -11.39 -16.53 15.80
CA LYS B 57 -10.43 -17.58 16.08
C LYS B 57 -9.01 -17.31 15.56
N CYS B 58 -8.87 -16.48 14.53
CA CYS B 58 -7.54 -16.23 14.00
C CYS B 58 -6.75 -15.27 14.89
N LYS B 59 -5.44 -15.23 14.70
CA LYS B 59 -4.59 -14.25 15.37
C LYS B 59 -4.23 -13.25 14.29
N ALA B 60 -4.44 -13.67 13.05
CA ALA B 60 -4.12 -12.85 11.91
C ALA B 60 -5.37 -12.30 11.21
N VAL B 61 -5.66 -11.03 11.45
CA VAL B 61 -6.72 -10.34 10.73
C VAL B 61 -6.18 -9.09 10.07
N SER B 62 -6.48 -8.94 8.78
CA SER B 62 -6.07 -7.76 8.04
C SER B 62 -7.32 -7.09 7.46
N ARG B 63 -7.38 -5.77 7.61
CA ARG B 63 -8.51 -4.95 7.15
C ARG B 63 -8.01 -3.99 6.10
N GLU B 64 -8.67 -4.01 4.95
CA GLU B 64 -8.31 -3.19 3.81
C GLU B 64 -9.44 -2.19 3.55
N LEU B 65 -9.05 -1.01 3.06
CA LEU B 65 -9.99 0.06 2.65
C LEU B 65 -9.60 0.50 1.25
N ASN B 66 -10.58 0.98 0.52
CA ASN B 66 -10.36 1.51 -0.81
C ASN B 66 -11.17 2.81 -0.95
N PHE B 67 -10.47 3.90 -1.26
CA PHE B 67 -11.12 5.19 -1.38
C PHE B 67 -10.71 6.02 -2.58
N SER B 68 -11.69 6.78 -3.10
CA SER B 68 -11.46 7.65 -4.26
C SER B 68 -11.49 9.14 -3.87
N SER B 69 -10.68 9.95 -4.56
CA SER B 69 -10.70 11.41 -4.38
C SER B 69 -10.60 12.16 -5.71
N THR B 70 -11.63 12.94 -6.05
CA THR B 70 -11.57 13.73 -7.29
C THR B 70 -10.62 14.90 -7.08
N GLU B 71 -10.57 15.38 -5.85
CA GLU B 71 -9.75 16.50 -5.46
C GLU B 71 -8.42 16.11 -4.83
N GLN B 72 -7.43 16.97 -5.05
CA GLN B 72 -6.12 16.82 -4.45
C GLN B 72 -6.19 17.29 -2.99
N GLU B 74 -3.39 17.74 0.61
CA GLU B 74 -1.99 17.75 1.01
C GLU B 74 -1.67 17.09 2.33
N LYS B 75 -2.65 16.99 3.22
CA LYS B 75 -2.39 16.40 4.53
C LYS B 75 -3.45 15.38 4.91
N PHE B 76 -3.60 14.38 4.05
CA PHE B 76 -4.57 13.36 4.33
C PHE B 76 -4.15 12.40 5.43
N ARG B 77 -5.07 12.12 6.34
CA ARG B 77 -4.86 11.19 7.44
C ARG B 77 -6.17 10.52 7.80
N LEU B 78 -6.08 9.40 8.52
CA LEU B 78 -7.28 8.68 8.98
C LEU B 78 -7.16 8.26 10.42
N GLU B 79 -8.32 8.10 11.07
CA GLU B 79 -8.37 7.63 12.44
C GLU B 79 -9.41 6.52 12.54
N GLN B 80 -8.98 5.33 12.94
CA GLN B 80 -9.91 4.19 13.08
C GLN B 80 -9.99 3.69 14.50
N LYS B 81 -11.22 3.43 14.96
CA LYS B 81 -11.48 2.95 16.30
C LYS B 81 -12.51 1.85 16.27
N VAL B 82 -12.21 0.72 16.92
CA VAL B 82 -13.16 -0.38 17.01
C VAL B 82 -13.71 -0.46 18.44
N TYR B 83 -15.02 -0.32 18.57
CA TYR B 83 -15.63 -0.29 19.88
C TYR B 83 -16.55 -1.47 20.15
N PHE B 84 -16.45 -1.99 21.37
CA PHE B 84 -17.44 -2.90 21.88
C PHE B 84 -18.13 -2.06 22.94
N LYS B 85 -19.34 -1.60 22.64
CA LYS B 85 -20.05 -0.72 23.55
C LYS B 85 -19.19 0.53 23.77
N GLY B 86 -18.81 0.79 25.02
CA GLY B 86 -17.98 1.95 25.34
C GLY B 86 -16.49 1.58 25.41
N GLN B 87 -16.21 0.28 25.52
CA GLN B 87 -14.84 -0.21 25.59
C GLN B 87 -14.09 -0.15 24.23
N LEU B 89 -11.31 -1.67 21.58
CA LEU B 89 -10.61 -2.89 21.18
C LEU B 89 -9.35 -2.55 20.40
N GLU B 90 -9.47 -1.61 19.48
CA GLU B 90 -8.34 -1.19 18.66
C GLU B 90 -8.48 0.26 18.24
N GLU B 91 -7.37 0.97 18.20
CA GLU B 91 -7.36 2.31 17.66
C GLU B 91 -6.17 2.46 16.76
N TRP B 92 -6.45 2.75 15.49
CA TRP B 92 -5.40 2.88 14.49
C TRP B 92 -5.35 4.31 13.94
N PHE B 93 -4.16 4.69 13.49
CA PHE B 93 -3.93 5.99 12.93
C PHE B 93 -3.04 5.84 11.72
N PHE B 94 -3.18 6.72 10.75
CA PHE B 94 -2.29 6.71 9.58
C PHE B 94 -2.28 8.05 8.86
N GLU B 95 -1.07 8.52 8.57
CA GLU B 95 -0.87 9.75 7.84
C GLU B 95 -0.44 9.44 6.41
N PHE B 96 -1.35 9.59 5.45
CA PHE B 96 -1.05 9.36 4.03
C PHE B 96 -0.36 10.61 3.43
N GLY B 97 -0.62 11.77 4.01
CA GLY B 97 -0.05 13.02 3.50
C GLY B 97 -0.72 13.47 2.20
N PHE B 98 0.00 13.29 1.09
CA PHE B 98 -0.51 13.70 -0.20
C PHE B 98 -1.47 12.71 -0.86
N VAL B 99 -2.55 13.25 -1.44
CA VAL B 99 -3.48 12.42 -2.21
C VAL B 99 -3.69 13.01 -3.59
N ILE B 100 -3.34 12.24 -4.61
CA ILE B 100 -3.42 12.59 -6.03
C ILE B 100 -4.87 12.91 -6.50
N PRO B 101 -5.01 13.86 -7.43
CA PRO B 101 -6.32 14.20 -7.98
C PRO B 101 -6.82 13.11 -8.93
N ASN B 102 -8.11 12.78 -8.81
CA ASN B 102 -8.71 11.68 -9.57
C ASN B 102 -7.83 10.45 -9.43
N SER B 103 -7.96 9.82 -8.28
CA SER B 103 -7.10 8.69 -7.93
C SER B 103 -7.91 7.80 -7.03
N THR B 104 -7.56 6.50 -7.02
CA THR B 104 -8.22 5.51 -6.18
C THR B 104 -7.15 4.80 -5.35
N ASN B 105 -7.26 4.91 -4.03
CA ASN B 105 -6.20 4.43 -3.13
C ASN B 105 -6.62 3.34 -2.18
N THR B 106 -5.63 2.52 -1.76
CA THR B 106 -5.89 1.44 -0.79
C THR B 106 -5.04 1.52 0.48
N TRP B 107 -5.63 1.12 1.60
CA TRP B 107 -4.88 1.09 2.85
C TRP B 107 -5.17 -0.19 3.65
N GLN B 108 -4.10 -0.92 3.97
CA GLN B 108 -4.25 -2.17 4.71
C GLN B 108 -3.39 -2.25 5.96
N SER B 109 -4.00 -2.67 7.05
CA SER B 109 -3.29 -2.90 8.30
C SER B 109 -3.53 -4.35 8.72
N LEU B 110 -2.57 -4.96 9.41
CA LEU B 110 -2.72 -6.33 9.90
C LEU B 110 -3.00 -6.33 11.40
N ILE B 111 -4.22 -6.67 11.79
CA ILE B 111 -4.62 -6.67 13.20
C ILE B 111 -4.37 -8.01 13.91
N GLU B 112 -3.41 -8.01 14.85
CA GLU B 112 -3.05 -9.21 15.60
C GLU B 112 -3.41 -9.09 17.08
N PRO B 121 -17.80 -13.11 23.02
CA PRO B 121 -17.45 -14.31 22.29
C PRO B 121 -18.37 -14.61 21.10
N ALA B 122 -19.60 -14.11 21.13
CA ALA B 122 -20.53 -14.34 20.02
C ALA B 122 -21.90 -13.71 20.25
N SER B 123 -22.74 -14.39 21.04
CA SER B 123 -24.07 -13.89 21.38
C SER B 123 -23.92 -12.46 21.88
N VAL B 124 -22.74 -12.17 22.42
CA VAL B 124 -22.45 -10.85 23.00
C VAL B 124 -21.91 -9.84 21.97
N LEU B 125 -20.89 -10.27 21.22
CA LEU B 125 -20.25 -9.44 20.21
C LEU B 125 -21.19 -9.04 19.07
N THR B 126 -21.93 -10.01 18.52
CA THR B 126 -22.80 -9.77 17.36
C THR B 126 -23.73 -8.57 17.53
N GLY B 127 -23.64 -7.62 16.60
CA GLY B 127 -24.46 -6.42 16.63
C GLY B 127 -23.93 -5.33 17.56
N ASN B 128 -22.91 -5.65 18.36
CA ASN B 128 -22.36 -4.65 19.30
C ASN B 128 -20.98 -4.16 18.96
N VAL B 129 -20.42 -4.63 17.87
CA VAL B 129 -19.10 -4.20 17.49
C VAL B 129 -19.20 -3.21 16.34
N ILE B 130 -18.60 -2.04 16.55
CA ILE B 130 -18.58 -0.96 15.58
C ILE B 130 -17.16 -0.56 15.20
N ILE B 131 -16.93 -0.36 13.90
CA ILE B 131 -15.67 0.19 13.39
C ILE B 131 -15.96 1.59 12.84
N GLU B 132 -15.36 2.61 13.44
CA GLU B 132 -15.55 3.95 12.92
C GLU B 132 -14.27 4.51 12.35
N THR B 133 -14.29 4.81 11.05
CA THR B 133 -13.16 5.40 10.36
C THR B 133 -13.45 6.89 10.11
N LYS B 134 -12.61 7.77 10.67
CA LYS B 134 -12.71 9.22 10.42
C LYS B 134 -11.57 9.67 9.55
N PHE B 135 -11.89 10.44 8.50
CA PHE B 135 -10.93 10.89 7.49
C PHE B 135 -10.74 12.43 7.52
N PHE B 136 -9.49 12.88 7.58
CA PHE B 136 -9.15 14.30 7.71
C PHE B 136 -8.18 14.81 6.66
N ASP B 137 -8.37 16.05 6.21
CA ASP B 137 -7.36 16.72 5.40
C ASP B 137 -6.79 17.79 6.32
N ASP B 138 -5.60 17.54 6.86
CA ASP B 138 -5.03 18.43 7.85
C ASP B 138 -5.92 18.27 9.07
N ASP B 139 -6.91 19.14 9.22
CA ASP B 139 -7.82 19.04 10.36
C ASP B 139 -9.28 19.14 9.97
N LEU B 140 -9.54 19.27 8.68
CA LEU B 140 -10.91 19.32 8.21
C LEU B 140 -11.45 17.88 8.02
N LEU B 141 -12.60 17.61 8.62
CA LEU B 141 -13.22 16.29 8.50
C LEU B 141 -13.81 16.16 7.11
N VAL B 142 -13.46 15.10 6.41
CA VAL B 142 -13.86 14.94 5.02
C VAL B 142 -14.93 13.87 4.88
N SER B 143 -14.90 12.91 5.80
CA SER B 143 -15.79 11.77 5.74
C SER B 143 -15.80 11.02 7.06
N THR B 144 -16.92 10.35 7.33
CA THR B 144 -17.03 9.54 8.54
C THR B 144 -17.82 8.29 8.25
N SER B 145 -17.22 7.14 8.55
CA SER B 145 -17.89 5.87 8.30
C SER B 145 -18.14 5.18 9.62
N ARG B 146 -19.11 4.26 9.61
CA ARG B 146 -19.49 3.46 10.77
C ARG B 146 -20.02 2.11 10.25
N VAL B 147 -19.46 1.02 10.76
CA VAL B 147 -19.87 -0.32 10.32
C VAL B 147 -20.11 -1.20 11.52
N ARG B 148 -21.27 -1.82 11.56
CA ARG B 148 -21.65 -2.67 12.69
C ARG B 148 -21.31 -4.13 12.39
N LEU B 149 -20.67 -4.81 13.34
CA LEU B 149 -20.28 -6.21 13.13
C LEU B 149 -21.29 -7.24 13.63
N PHE B 150 -21.64 -8.14 12.74
CA PHE B 150 -22.52 -9.25 13.06
C PHE B 150 -21.75 -10.51 12.71
N TYR B 151 -21.42 -11.27 13.74
CA TYR B 151 -20.64 -12.50 13.60
C TYR B 151 -21.51 -13.64 13.10
N VAL B 152 -21.33 -13.97 11.82
CA VAL B 152 -22.11 -15.01 11.15
C VAL B 152 -23.55 -14.58 10.88
#